data_7KI9
#
_entry.id   7KI9
#
_cell.length_a   29.430
_cell.length_b   70.790
_cell.length_c   36.180
_cell.angle_alpha   90.000
_cell.angle_beta   111.480
_cell.angle_gamma   90.000
#
_symmetry.space_group_name_H-M   'P 1 21 1'
#
loop_
_entity.id
_entity.type
_entity.pdbx_description
1 polymer 'Dihydrofolate reductase'
2 non-polymer 'NADP NICOTINAMIDE-ADENINE-DINUCLEOTIDE PHOSPHATE'
3 non-polymer '1-[2-(3-{[(2,4-diamino-6-ethylpyrimidin-5-yl)oxy]methyl}azetidin-1-yl)phenyl]piperidine-4-carboxylic acid'
4 water water
#
_entity_poly.entity_id   1
_entity_poly.type   'polypeptide(L)'
_entity_poly.pdbx_seq_one_letter_code
;MAHHHHHHMTSVGLIWAQSTSGVIGRDGGIPWRLPEDLAHFKRLTMGHTVVMGRRTWDSLPAAHRPLPGRRNVVVTRQTG
LVAHGAQVVGSLEQALSPAEPDAATWVIGGAQIYALALPLANRCEVTEVDVDLPPEDEDALAPVLDQTWAGTSGEWLVSR
SGLRYRMHSYRRL
;
_entity_poly.pdbx_strand_id   A
#
loop_
_chem_comp.id
_chem_comp.type
_chem_comp.name
_chem_comp.formula
NAP non-polymer 'NADP NICOTINAMIDE-ADENINE-DINUCLEOTIDE PHOSPHATE' 'C21 H28 N7 O17 P3'
WFJ non-polymer '1-[2-(3-{[(2,4-diamino-6-ethylpyrimidin-5-yl)oxy]methyl}azetidin-1-yl)phenyl]piperidine-4-carboxylic acid' 'C22 H30 N6 O3'
#
# COMPACT_ATOMS: atom_id res chain seq x y z
N HIS A 4 -10.94 -2.87 -14.96
CA HIS A 4 -11.93 -3.75 -14.36
C HIS A 4 -12.38 -3.25 -13.00
N HIS A 5 -12.30 -1.93 -12.80
CA HIS A 5 -12.69 -1.33 -11.53
C HIS A 5 -14.19 -1.40 -11.27
N HIS A 6 -14.98 -1.84 -12.25
CA HIS A 6 -16.42 -2.05 -12.08
C HIS A 6 -16.80 -3.51 -12.27
N HIS A 7 -15.87 -4.42 -11.94
CA HIS A 7 -16.17 -5.84 -11.82
C HIS A 7 -16.56 -6.23 -10.40
N HIS A 8 -16.60 -5.26 -9.48
CA HIS A 8 -16.93 -5.49 -8.08
C HIS A 8 -17.74 -4.31 -7.57
N MET A 9 -18.35 -4.49 -6.40
CA MET A 9 -19.20 -3.47 -5.81
C MET A 9 -18.47 -2.60 -4.78
N THR A 10 -17.64 -3.19 -3.93
CA THR A 10 -16.91 -2.43 -2.94
C THR A 10 -15.79 -1.65 -3.59
N SER A 11 -15.43 -0.53 -2.97
CA SER A 11 -14.35 0.29 -3.48
C SER A 11 -13.02 -0.41 -3.17
N VAL A 12 -12.12 -0.46 -4.16
CA VAL A 12 -10.78 -0.98 -3.99
C VAL A 12 -9.81 0.19 -4.13
N GLY A 13 -9.03 0.43 -3.10
CA GLY A 13 -8.09 1.53 -3.10
C GLY A 13 -6.69 0.98 -2.96
N LEU A 14 -5.74 1.59 -3.66
CA LEU A 14 -4.32 1.34 -3.42
C LEU A 14 -3.83 2.47 -2.55
N ILE A 15 -2.95 2.15 -1.60
CA ILE A 15 -2.34 3.16 -0.76
C ILE A 15 -0.85 2.84 -0.65
N TRP A 16 0.00 3.83 -0.91
CA TRP A 16 1.44 3.62 -0.83
C TRP A 16 2.12 4.93 -0.53
N ALA A 17 3.38 4.83 -0.09
CA ALA A 17 4.28 5.96 0.07
C ALA A 17 5.48 5.75 -0.84
N GLN A 18 5.95 6.82 -1.49
CA GLN A 18 7.09 6.68 -2.38
C GLN A 18 8.00 7.88 -2.23
N SER A 19 9.28 7.69 -2.58
CA SER A 19 10.15 8.83 -2.75
C SER A 19 9.75 9.58 -4.01
N THR A 20 10.23 10.81 -4.14
CA THR A 20 10.01 11.55 -5.37
C THR A 20 10.54 10.79 -6.58
N SER A 21 11.61 10.00 -6.43
CA SER A 21 12.12 9.23 -7.55
C SER A 21 11.27 8.00 -7.87
N GLY A 22 10.28 7.69 -7.05
CA GLY A 22 9.39 6.56 -7.28
C GLY A 22 9.77 5.26 -6.60
N VAL A 23 10.72 5.28 -5.66
CA VAL A 23 11.06 4.08 -4.92
C VAL A 23 10.01 3.85 -3.83
N ILE A 24 9.55 2.60 -3.69
CA ILE A 24 8.69 2.22 -2.57
C ILE A 24 9.33 1.20 -1.66
N GLY A 25 10.35 0.48 -2.11
CA GLY A 25 10.92 -0.57 -1.27
C GLY A 25 12.35 -0.84 -1.65
N ARG A 26 13.14 -1.26 -0.66
CA ARG A 26 14.55 -1.55 -0.87
C ARG A 26 14.99 -2.50 0.25
N ASP A 27 15.71 -3.55 -0.12
CA ASP A 27 16.28 -4.46 0.86
C ASP A 27 15.21 -5.07 1.78
N GLY A 28 14.00 -5.31 1.26
CA GLY A 28 12.96 -5.91 2.06
C GLY A 28 12.29 -4.97 3.02
N GLY A 29 12.51 -3.68 2.90
CA GLY A 29 11.86 -2.72 3.77
C GLY A 29 11.56 -1.43 3.06
N ILE A 30 11.25 -0.39 3.82
CA ILE A 30 10.96 0.92 3.27
C ILE A 30 12.12 1.83 3.64
N PRO A 31 12.79 2.47 2.66
CA PRO A 31 14.09 3.12 2.93
C PRO A 31 14.00 4.55 3.46
N TRP A 32 12.96 4.84 4.24
CA TRP A 32 12.87 6.10 4.98
C TRP A 32 11.94 5.84 6.16
N ARG A 33 11.93 6.77 7.09
CA ARG A 33 11.02 6.73 8.22
C ARG A 33 10.25 8.04 8.22
N LEU A 34 8.92 7.94 8.25
CA LEU A 34 8.08 9.13 8.17
C LEU A 34 6.87 8.90 9.04
N PRO A 35 6.97 9.24 10.32
CA PRO A 35 5.85 8.99 11.25
C PRO A 35 4.52 9.58 10.78
N GLU A 36 4.53 10.75 10.16
CA GLU A 36 3.30 11.37 9.72
C GLU A 36 2.61 10.53 8.65
N ASP A 37 3.39 9.84 7.80
CA ASP A 37 2.79 8.93 6.83
C ASP A 37 2.18 7.72 7.50
N LEU A 38 2.84 7.18 8.53
CA LEU A 38 2.28 6.05 9.25
C LEU A 38 0.93 6.41 9.85
N ALA A 39 0.81 7.62 10.43
CA ALA A 39 -0.45 8.04 11.02
C ALA A 39 -1.52 8.19 9.95
N HIS A 40 -1.16 8.76 8.80
CA HIS A 40 -2.09 8.90 7.69
C HIS A 40 -2.59 7.53 7.21
N PHE A 41 -1.66 6.60 7.03
CA PHE A 41 -2.00 5.25 6.63
C PHE A 41 -2.94 4.58 7.64
N LYS A 42 -2.65 4.75 8.92
CA LYS A 42 -3.50 4.17 9.96
CA LYS A 42 -3.51 4.17 9.95
C LYS A 42 -4.91 4.77 9.92
N ARG A 43 -5.02 6.09 9.76
CA ARG A 43 -6.33 6.72 9.74
CA ARG A 43 -6.33 6.72 9.74
C ARG A 43 -7.14 6.26 8.54
N LEU A 44 -6.49 6.10 7.38
CA LEU A 44 -7.25 5.71 6.19
C LEU A 44 -7.67 4.24 6.24
N THR A 45 -6.90 3.38 6.90
CA THR A 45 -7.14 1.95 6.81
C THR A 45 -7.82 1.37 8.05
N MET A 46 -7.87 2.09 9.16
CA MET A 46 -8.40 1.52 10.39
C MET A 46 -9.84 1.04 10.19
N GLY A 47 -10.10 -0.18 10.64
CA GLY A 47 -11.42 -0.77 10.54
C GLY A 47 -11.75 -1.41 9.21
N HIS A 48 -10.83 -1.40 8.25
CA HIS A 48 -11.06 -1.95 6.92
C HIS A 48 -10.21 -3.20 6.71
N THR A 49 -10.54 -3.92 5.65
CA THR A 49 -9.67 -4.99 5.18
C THR A 49 -8.44 -4.39 4.51
N VAL A 50 -7.28 -4.92 4.85
CA VAL A 50 -6.03 -4.60 4.15
C VAL A 50 -5.52 -5.86 3.47
N VAL A 51 -5.14 -5.72 2.20
CA VAL A 51 -4.67 -6.80 1.36
C VAL A 51 -3.22 -6.51 1.00
N MET A 52 -2.36 -7.50 1.18
CA MET A 52 -0.95 -7.30 0.89
C MET A 52 -0.35 -8.56 0.27
N GLY A 53 0.75 -8.37 -0.45
CA GLY A 53 1.55 -9.50 -0.90
C GLY A 53 2.32 -10.13 0.24
N ARG A 54 2.70 -11.40 0.03
CA ARG A 54 3.33 -12.13 1.10
C ARG A 54 4.69 -11.54 1.49
N ARG A 55 5.43 -10.97 0.54
CA ARG A 55 6.72 -10.39 0.92
CA ARG A 55 6.72 -10.39 0.91
C ARG A 55 6.52 -9.22 1.86
N THR A 56 5.49 -8.41 1.63
CA THR A 56 5.18 -7.31 2.54
C THR A 56 4.80 -7.84 3.92
N TRP A 57 3.99 -8.90 3.96
CA TRP A 57 3.65 -9.52 5.24
C TRP A 57 4.90 -9.91 6.01
N ASP A 58 5.83 -10.58 5.35
CA ASP A 58 7.06 -11.01 6.02
C ASP A 58 7.96 -9.84 6.39
N SER A 59 7.81 -8.69 5.72
CA SER A 59 8.62 -7.50 5.99
C SER A 59 8.16 -6.74 7.23
N LEU A 60 6.96 -7.01 7.72
CA LEU A 60 6.46 -6.26 8.87
C LEU A 60 7.23 -6.65 10.13
N PRO A 61 7.70 -5.69 10.91
CA PRO A 61 8.23 -6.04 12.24
C PRO A 61 7.15 -6.75 13.04
N ALA A 62 7.61 -7.68 13.90
CA ALA A 62 6.69 -8.55 14.63
C ALA A 62 5.71 -7.76 15.49
N ALA A 63 6.10 -6.57 15.96
CA ALA A 63 5.20 -5.76 16.76
C ALA A 63 3.97 -5.34 15.99
N HIS A 64 4.08 -5.29 14.66
CA HIS A 64 3.08 -4.68 13.80
C HIS A 64 2.39 -5.68 12.89
N ARG A 65 2.60 -6.97 13.11
CA ARG A 65 2.02 -7.99 12.27
C ARG A 65 1.18 -8.93 13.13
N PRO A 66 -0.15 -9.04 12.91
CA PRO A 66 -0.92 -8.34 11.89
C PRO A 66 -1.15 -6.88 12.25
N LEU A 67 -1.50 -6.08 11.28
CA LEU A 67 -1.86 -4.70 11.49
C LEU A 67 -3.07 -4.69 12.41
N PRO A 68 -2.99 -4.07 13.58
CA PRO A 68 -4.10 -4.21 14.52
C PRO A 68 -5.33 -3.46 14.06
N GLY A 69 -6.49 -4.04 14.37
CA GLY A 69 -7.75 -3.38 14.07
C GLY A 69 -8.16 -3.46 12.63
N ARG A 70 -7.49 -4.27 11.83
CA ARG A 70 -7.81 -4.44 10.42
C ARG A 70 -7.80 -5.92 10.12
N ARG A 71 -8.62 -6.33 9.16
CA ARG A 71 -8.56 -7.70 8.69
CA ARG A 71 -8.59 -7.70 8.67
C ARG A 71 -7.43 -7.81 7.69
N ASN A 72 -6.42 -8.61 8.04
CA ASN A 72 -5.20 -8.72 7.24
C ASN A 72 -5.33 -9.90 6.29
N VAL A 73 -5.31 -9.64 4.99
CA VAL A 73 -5.42 -10.66 3.95
C VAL A 73 -4.10 -10.68 3.19
N VAL A 74 -3.48 -11.86 3.07
CA VAL A 74 -2.18 -12.00 2.43
C VAL A 74 -2.32 -12.87 1.19
N VAL A 75 -1.86 -12.34 0.06
CA VAL A 75 -1.91 -13.02 -1.23
C VAL A 75 -0.60 -13.79 -1.38
N THR A 76 -0.71 -15.11 -1.57
CA THR A 76 0.44 -16.00 -1.65
C THR A 76 0.07 -17.16 -2.55
N ARG A 77 1.09 -17.79 -3.14
CA ARG A 77 0.88 -19.07 -3.82
C ARG A 77 1.13 -20.26 -2.89
N GLN A 78 1.58 -20.01 -1.66
CA GLN A 78 1.87 -21.09 -0.72
C GLN A 78 0.58 -21.57 -0.05
N THR A 79 0.65 -22.75 0.56
CA THR A 79 -0.51 -23.28 1.27
C THR A 79 -0.87 -22.41 2.47
N GLY A 80 0.13 -21.97 3.22
CA GLY A 80 -0.09 -21.09 4.35
C GLY A 80 1.23 -20.53 4.77
N LEU A 81 1.22 -19.80 5.88
CA LEU A 81 2.36 -19.00 6.30
C LEU A 81 2.83 -19.41 7.68
N VAL A 82 4.13 -19.23 7.92
CA VAL A 82 4.66 -19.52 9.24
C VAL A 82 4.29 -18.43 10.23
N ALA A 83 4.27 -17.17 9.78
CA ALA A 83 3.97 -16.04 10.65
C ALA A 83 2.47 -15.85 10.77
N HIS A 84 1.96 -15.83 12.00
CA HIS A 84 0.54 -15.87 12.32
C HIS A 84 -0.15 -14.52 12.17
N GLY A 85 -1.46 -14.58 11.95
CA GLY A 85 -2.32 -13.43 12.04
C GLY A 85 -2.99 -13.05 10.73
N ALA A 86 -2.70 -13.73 9.64
CA ALA A 86 -3.23 -13.38 8.34
C ALA A 86 -4.32 -14.36 7.96
N GLN A 87 -5.15 -13.95 7.01
CA GLN A 87 -5.98 -14.86 6.23
C GLN A 87 -5.33 -14.98 4.87
N VAL A 88 -5.00 -16.20 4.48
CA VAL A 88 -4.29 -16.49 3.23
CA VAL A 88 -4.31 -16.36 3.20
C VAL A 88 -5.30 -16.62 2.09
N VAL A 89 -4.99 -16.03 0.93
CA VAL A 89 -5.73 -16.26 -0.29
C VAL A 89 -4.73 -16.48 -1.41
N GLY A 90 -5.20 -17.12 -2.48
CA GLY A 90 -4.33 -17.47 -3.58
C GLY A 90 -4.38 -16.55 -4.77
N SER A 91 -5.18 -15.48 -4.71
CA SER A 91 -5.30 -14.55 -5.82
C SER A 91 -5.89 -13.25 -5.29
N LEU A 92 -5.70 -12.20 -6.06
CA LEU A 92 -6.29 -10.92 -5.68
C LEU A 92 -7.81 -10.99 -5.71
N GLU A 93 -8.39 -11.68 -6.70
CA GLU A 93 -9.84 -11.81 -6.76
C GLU A 93 -10.40 -12.46 -5.49
N GLN A 94 -9.71 -13.49 -4.98
CA GLN A 94 -10.15 -14.12 -3.74
C GLN A 94 -10.02 -13.16 -2.56
N ALA A 95 -9.03 -12.26 -2.60
CA ALA A 95 -8.84 -11.28 -1.53
C ALA A 95 -9.99 -10.29 -1.45
N LEU A 96 -10.62 -10.00 -2.59
CA LEU A 96 -11.52 -8.86 -2.72
C LEU A 96 -12.99 -9.22 -2.52
N SER A 97 -13.36 -10.48 -2.71
CA SER A 97 -14.75 -10.90 -2.60
C SER A 97 -14.80 -12.07 -1.63
N PRO A 98 -15.75 -12.08 -0.67
CA PRO A 98 -16.75 -11.05 -0.43
C PRO A 98 -16.15 -9.78 0.20
N ALA A 99 -16.94 -8.72 0.28
CA ALA A 99 -16.48 -7.46 0.87
C ALA A 99 -17.64 -6.64 1.40
N ALA A 104 -14.92 -0.87 1.91
CA ALA A 104 -13.76 -0.33 1.19
C ALA A 104 -12.47 -1.08 1.52
N THR A 105 -11.88 -1.74 0.53
CA THR A 105 -10.75 -2.63 0.73
C THR A 105 -9.48 -1.92 0.27
N TRP A 106 -8.45 -1.94 1.12
CA TRP A 106 -7.20 -1.24 0.83
C TRP A 106 -6.12 -2.24 0.47
N VAL A 107 -5.52 -2.04 -0.68
CA VAL A 107 -4.34 -2.81 -1.10
C VAL A 107 -3.11 -2.02 -0.67
N ILE A 108 -2.29 -2.63 0.21
CA ILE A 108 -1.25 -1.90 0.93
C ILE A 108 0.15 -2.29 0.50
N GLY A 109 0.29 -3.03 -0.60
CA GLY A 109 1.59 -3.32 -1.19
C GLY A 109 1.89 -4.81 -1.19
N GLY A 110 3.04 -5.18 -1.78
CA GLY A 110 4.03 -4.31 -2.37
C GLY A 110 3.85 -4.19 -3.87
N ALA A 111 4.96 -4.03 -4.59
CA ALA A 111 4.88 -3.73 -6.03
C ALA A 111 4.14 -4.81 -6.81
N GLN A 112 4.38 -6.07 -6.49
CA GLN A 112 3.70 -7.13 -7.25
C GLN A 112 2.20 -7.09 -7.04
N ILE A 113 1.78 -6.89 -5.79
CA ILE A 113 0.35 -6.84 -5.50
C ILE A 113 -0.28 -5.53 -6.01
N TYR A 114 0.47 -4.41 -6.03
CA TYR A 114 -0.06 -3.21 -6.66
C TYR A 114 -0.32 -3.45 -8.14
N ALA A 115 0.59 -4.16 -8.80
CA ALA A 115 0.40 -4.40 -10.23
C ALA A 115 -0.84 -5.24 -10.49
N LEU A 116 -1.11 -6.24 -9.63
CA LEU A 116 -2.32 -7.04 -9.78
C LEU A 116 -3.56 -6.20 -9.53
N ALA A 117 -3.49 -5.26 -8.59
CA ALA A 117 -4.69 -4.56 -8.16
C ALA A 117 -4.99 -3.33 -9.00
N LEU A 118 -3.98 -2.73 -9.60
CA LEU A 118 -4.16 -1.49 -10.34
C LEU A 118 -5.29 -1.54 -11.36
N PRO A 119 -5.45 -2.61 -12.16
CA PRO A 119 -6.56 -2.63 -13.11
C PRO A 119 -7.92 -2.64 -12.46
N LEU A 120 -8.01 -3.08 -11.20
CA LEU A 120 -9.28 -3.21 -10.48
C LEU A 120 -9.58 -2.01 -9.59
N ALA A 121 -8.63 -1.11 -9.39
CA ALA A 121 -8.77 -0.12 -8.34
C ALA A 121 -9.63 1.05 -8.77
N ASN A 122 -10.31 1.65 -7.79
CA ASN A 122 -11.08 2.88 -7.98
C ASN A 122 -10.37 4.12 -7.45
N ARG A 123 -9.39 3.95 -6.57
CA ARG A 123 -8.76 5.07 -5.88
C ARG A 123 -7.31 4.70 -5.62
N CYS A 124 -6.45 5.72 -5.62
CA CYS A 124 -5.09 5.59 -5.13
C CYS A 124 -4.82 6.73 -4.17
N GLU A 125 -4.17 6.41 -3.06
CA GLU A 125 -3.80 7.39 -2.05
C GLU A 125 -2.28 7.29 -1.91
N VAL A 126 -1.57 8.34 -2.33
CA VAL A 126 -0.13 8.32 -2.43
C VAL A 126 0.45 9.32 -1.46
N THR A 127 1.49 8.93 -0.73
CA THR A 127 2.31 9.89 0.00
C THR A 127 3.62 10.01 -0.77
N GLU A 128 3.98 11.23 -1.16
CA GLU A 128 5.27 11.47 -1.76
C GLU A 128 6.21 12.02 -0.71
N VAL A 129 7.40 11.43 -0.61
CA VAL A 129 8.40 11.78 0.39
C VAL A 129 9.58 12.38 -0.33
N ASP A 130 9.93 13.62 0.01
CA ASP A 130 11.06 14.31 -0.62
C ASP A 130 12.37 13.87 0.05
N VAL A 131 12.76 12.65 -0.26
CA VAL A 131 14.01 12.07 0.17
C VAL A 131 14.74 11.65 -1.10
N ASP A 132 16.03 11.93 -1.15
CA ASP A 132 16.82 11.73 -2.36
C ASP A 132 17.29 10.28 -2.35
N LEU A 133 16.64 9.45 -3.17
CA LEU A 133 16.92 8.01 -3.25
C LEU A 133 16.95 7.63 -4.72
N PRO A 134 18.10 7.81 -5.38
CA PRO A 134 18.24 7.34 -6.76
C PRO A 134 17.90 5.86 -6.86
N PRO A 135 17.03 5.47 -7.79
CA PRO A 135 16.62 4.05 -7.85
C PRO A 135 17.82 3.13 -8.07
N GLU A 136 17.85 2.03 -7.33
CA GLU A 136 18.87 1.00 -7.38
C GLU A 136 18.29 -0.28 -7.96
N ASP A 137 19.18 -1.20 -8.33
CA ASP A 137 18.82 -2.28 -9.24
C ASP A 137 17.65 -3.12 -8.73
N GLU A 138 17.62 -3.41 -7.44
CA GLU A 138 16.61 -4.29 -6.91
C GLU A 138 15.43 -3.56 -6.29
N ASP A 139 15.37 -2.24 -6.42
CA ASP A 139 14.30 -1.50 -5.75
C ASP A 139 12.94 -1.90 -6.28
N ALA A 140 11.96 -1.88 -5.38
CA ALA A 140 10.56 -1.88 -5.78
C ALA A 140 10.15 -0.45 -6.07
N LEU A 141 9.51 -0.24 -7.21
CA LEU A 141 9.09 1.08 -7.67
C LEU A 141 7.57 1.21 -7.59
N ALA A 142 7.12 2.47 -7.50
CA ALA A 142 5.70 2.75 -7.48
C ALA A 142 5.08 2.44 -8.84
N PRO A 143 3.82 2.01 -8.84
CA PRO A 143 3.12 1.84 -10.11
C PRO A 143 2.91 3.19 -10.79
N VAL A 144 2.95 3.18 -12.10
CA VAL A 144 2.71 4.37 -12.90
C VAL A 144 1.22 4.44 -13.23
N LEU A 145 0.63 5.61 -13.06
CA LEU A 145 -0.79 5.82 -13.31
C LEU A 145 -1.02 6.37 -14.71
N ASP A 146 -1.97 5.77 -15.43
CA ASP A 146 -2.23 6.14 -16.81
C ASP A 146 -3.34 7.20 -16.90
N GLN A 147 -3.82 7.43 -18.13
CA GLN A 147 -4.81 8.45 -18.47
C GLN A 147 -6.20 8.18 -17.87
N THR A 148 -6.41 7.04 -17.20
CA THR A 148 -7.73 6.77 -16.62
C THR A 148 -7.87 7.35 -15.22
N TRP A 149 -6.84 8.00 -14.70
CA TRP A 149 -6.84 8.53 -13.34
C TRP A 149 -6.86 10.06 -13.35
N ALA A 150 -7.62 10.64 -12.42
CA ALA A 150 -7.62 12.06 -12.14
C ALA A 150 -7.16 12.26 -10.71
N GLY A 151 -6.29 13.23 -10.50
CA GLY A 151 -5.67 13.40 -9.21
C GLY A 151 -5.79 14.82 -8.68
N THR A 152 -5.66 14.91 -7.36
CA THR A 152 -5.48 16.18 -6.67
C THR A 152 -4.32 15.99 -5.71
N SER A 153 -3.71 17.09 -5.32
CA SER A 153 -2.51 17.05 -4.50
C SER A 153 -2.63 18.05 -3.36
N GLY A 154 -2.22 17.62 -2.18
CA GLY A 154 -2.13 18.52 -1.05
C GLY A 154 -0.85 19.33 -1.09
N GLU A 155 -0.76 20.27 -0.15
CA GLU A 155 0.42 21.11 -0.03
C GLU A 155 1.60 20.32 0.54
N TRP A 156 2.80 20.80 0.28
CA TRP A 156 3.99 20.25 0.92
C TRP A 156 3.92 20.51 2.41
N LEU A 157 4.20 19.47 3.20
CA LEU A 157 4.23 19.49 4.65
C LEU A 157 5.65 19.15 5.11
N VAL A 158 5.99 19.57 6.33
CA VAL A 158 7.30 19.29 6.89
C VAL A 158 7.13 18.34 8.08
N SER A 159 7.82 17.21 8.05
CA SER A 159 7.79 16.23 9.12
CA SER A 159 7.70 16.29 9.16
C SER A 159 8.56 16.76 10.33
N ARG A 160 8.26 16.22 11.50
CA ARG A 160 9.06 16.53 12.69
C ARG A 160 10.51 16.11 12.50
N SER A 161 10.75 15.12 11.63
CA SER A 161 12.11 14.68 11.33
C SER A 161 12.77 15.50 10.23
N GLY A 162 12.07 16.49 9.68
CA GLY A 162 12.64 17.39 8.70
C GLY A 162 12.37 17.06 7.25
N LEU A 163 11.88 15.85 6.94
CA LEU A 163 11.59 15.52 5.54
C LEU A 163 10.31 16.21 5.11
N ARG A 164 10.31 16.72 3.89
CA ARG A 164 9.09 17.25 3.30
C ARG A 164 8.29 16.10 2.68
N TYR A 165 6.97 16.19 2.76
CA TYR A 165 6.13 15.14 2.22
C TYR A 165 4.80 15.76 1.84
N ARG A 166 4.03 15.04 1.03
CA ARG A 166 2.71 15.54 0.64
C ARG A 166 1.88 14.36 0.17
N MET A 167 0.56 14.55 0.15
CA MET A 167 -0.34 13.49 -0.26
C MET A 167 -0.96 13.82 -1.61
N HIS A 168 -1.11 12.80 -2.44
CA HIS A 168 -1.83 12.87 -3.70
C HIS A 168 -2.98 11.87 -3.64
N SER A 169 -4.13 12.26 -4.18
CA SER A 169 -5.30 11.37 -4.18
C SER A 169 -5.80 11.25 -5.59
N TYR A 170 -5.95 10.02 -6.07
CA TYR A 170 -6.40 9.77 -7.41
C TYR A 170 -7.71 8.99 -7.39
N ARG A 171 -8.58 9.32 -8.34
CA ARG A 171 -9.82 8.60 -8.54
C ARG A 171 -9.89 8.22 -10.01
N ARG A 172 -10.49 7.08 -10.28
CA ARG A 172 -10.69 6.69 -11.65
C ARG A 172 -11.69 7.65 -12.32
N LEU A 173 -11.35 8.11 -13.53
CA LEU A 173 -12.28 8.93 -14.29
C LEU A 173 -13.57 8.16 -14.55
PA NAP B . 4.82 -8.15 -2.52
O1A NAP B . 4.61 -7.61 -1.17
O2A NAP B . 3.95 -7.62 -3.64
O5B NAP B . 4.67 -9.75 -2.37
C5B NAP B . 5.01 -10.61 -3.48
C4B NAP B . 4.46 -11.97 -3.16
O4B NAP B . 3.02 -11.98 -3.33
C3B NAP B . 4.97 -13.11 -4.04
O3B NAP B . 6.25 -13.54 -3.61
C2B NAP B . 3.86 -14.13 -3.80
O2B NAP B . 3.90 -14.73 -2.50
C1B NAP B . 2.62 -13.24 -3.81
N9A NAP B . 2.04 -13.08 -5.13
C8A NAP B . 2.42 -12.24 -6.15
N7A NAP B . 1.73 -12.38 -7.25
C5A NAP B . 0.80 -13.35 -6.93
C6A NAP B . -0.25 -13.94 -7.66
N6A NAP B . -0.55 -13.63 -8.93
N1A NAP B . -0.98 -14.92 -7.05
C2A NAP B . -0.67 -15.25 -5.79
N3A NAP B . 0.29 -14.77 -5.01
C4A NAP B . 0.99 -13.82 -5.64
O3 NAP B . 6.36 -8.08 -2.92
PN NAP B . 7.28 -6.94 -3.55
O1N NAP B . 6.70 -6.46 -4.83
O2N NAP B . 8.66 -7.46 -3.54
O5D NAP B . 7.10 -5.73 -2.53
C5D NAP B . 7.76 -5.78 -1.24
C4D NAP B . 8.51 -4.49 -1.06
O4D NAP B . 7.59 -3.36 -1.08
C3D NAP B . 9.26 -4.37 0.27
O3D NAP B . 10.43 -3.60 0.09
C2D NAP B . 8.28 -3.58 1.14
O2D NAP B . 8.95 -2.92 2.19
C1D NAP B . 7.79 -2.60 0.09
N1N NAP B . 6.48 -1.94 0.46
C2N NAP B . 6.44 -0.60 0.40
C3N NAP B . 5.25 0.07 0.66
C7N NAP B . 5.18 1.56 0.59
O7N NAP B . 4.08 2.11 0.65
N7N NAP B . 6.30 2.24 0.42
C4N NAP B . 4.13 -0.69 0.99
C5N NAP B . 4.21 -2.07 1.06
C6N NAP B . 5.40 -2.69 0.79
P2B NAP B . 4.57 -16.17 -2.32
O1X NAP B . 3.85 -17.11 -3.25
O2X NAP B . 6.03 -15.98 -2.68
O3X NAP B . 4.34 -16.47 -0.86
C01 WFJ C . 3.56 3.36 6.68
C02 WFJ C . 4.07 2.82 5.32
C03 WFJ C . 2.98 2.89 4.28
C05 WFJ C . 1.57 4.24 3.08
C08 WFJ C . 1.44 1.99 2.70
C10 WFJ C . 2.45 1.79 3.66
C12 WFJ C . 2.10 -0.03 5.08
C13 WFJ C . 2.67 -1.34 5.55
C14 WFJ C . 4.21 -1.49 5.62
C16 WFJ C . 2.66 -1.47 7.11
C17 WFJ C . 5.12 -0.82 7.93
C18 WFJ C . 6.44 -0.97 7.47
C19 WFJ C . 7.53 -0.73 8.31
C20 WFJ C . 7.32 -0.34 9.63
C21 WFJ C . 6.01 -0.19 10.08
C22 WFJ C . 4.91 -0.42 9.26
C24 WFJ C . 3.13 -1.14 10.78
C25 WFJ C . 1.63 -1.01 11.12
C26 WFJ C . 1.20 0.45 11.25
C27 WFJ C . 1.65 1.26 10.03
C28 WFJ C . 3.16 1.11 9.84
C29 WFJ C . -0.29 0.53 11.31
N04 WFJ C . 2.53 4.11 3.97
N06 WFJ C . 1.11 5.49 2.83
N07 WFJ C . 1.00 3.22 2.42
N09 WFJ C . 0.88 0.97 2.01
N15 WFJ C . 4.09 -1.05 7.03
N23 WFJ C . 3.57 -0.26 9.70
O11 WFJ C . 2.87 0.50 3.96
O30 WFJ C . -0.81 0.20 12.53
O31 WFJ C . -1.01 0.84 10.40
#